data_4RM9
#
_entry.id   4RM9
#
_cell.length_a   67.433
_cell.length_b   113.517
_cell.length_c   111.773
_cell.angle_alpha   90.00
_cell.angle_beta   90.00
_cell.angle_gamma   90.00
#
_symmetry.space_group_name_H-M   'C 2 2 21'
#
loop_
_entity.id
_entity.type
_entity.pdbx_description
1 polymer Ezrin
2 water water
#
_entity_poly.entity_id   1
_entity_poly.type   'polypeptide(L)'
_entity_poly.pdbx_seq_one_letter_code
;GMPKPINVRVTTMDAELEFAIQPNTTGKQLFDQVVKTIGLREVWYFGLHYVDNKGFPTWLKLDKKVSAQEVRKENPLQFK
FRAKFYPEDVAEELIQDITQKLFFLQVKEGILSDEIYCPPETAVLLGSYAVQAKFGDYNKEVHKSGYLSSERLIPQRVMD
QHKLTRDQWEDRIQVWHAEHRGMLKDNAMLEYLKIAQDLEMYGINYFEIKNKKGTDLWLGVDALGLNIYEKDDKLTPKIG
FPWSEIRNISFNDKKFVIKPIDKKAPDFVFYAPRLRINKRILQLCMGNHELYMRRRKPDTIEVQQMKAQAREEKHQKQLE
RQQLETEKKRRETVEREKEQMMREKEELMLRLQDYEEKTKKAERELSEQIQRALQLEEERKRAQEEAERLEADRMAALRA
KEELERQAVDQIKSQEQLAAELAEYTAKIALLEEARRRKEDEVEEWQHRAKEAQDDLVKTKEELHLVMTAPPPPPPPVYE
PVSYHVQESLQDEGAEPTGYSAELSSEGIRDDRNEEKRITEAEKNERVQRQLLTLSSELSQARDENKRTHNDIIHNENMR
QGRDKYKTLRQIRQGNTKQRIDEFEAL
;
_entity_poly.pdbx_strand_id   A
#
# COMPACT_ATOMS: atom_id res chain seq x y z
N MET A 2 -32.58 18.95 -24.62
CA MET A 2 -31.80 17.73 -24.77
C MET A 2 -30.79 17.59 -23.63
N PRO A 3 -30.44 16.34 -23.27
CA PRO A 3 -29.51 16.08 -22.17
C PRO A 3 -28.09 16.55 -22.47
N LYS A 4 -27.60 17.49 -21.67
CA LYS A 4 -26.24 17.98 -21.83
C LYS A 4 -25.23 16.98 -21.29
N PRO A 5 -24.22 16.64 -22.09
CA PRO A 5 -23.16 15.70 -21.68
C PRO A 5 -22.30 16.24 -20.55
N ILE A 6 -21.87 15.36 -19.67
CA ILE A 6 -20.95 15.70 -18.59
C ILE A 6 -19.53 15.30 -18.97
N ASN A 7 -18.61 16.27 -18.97
CA ASN A 7 -17.22 15.94 -19.25
C ASN A 7 -16.53 15.37 -18.03
N VAL A 8 -15.87 14.24 -18.21
CA VAL A 8 -15.16 13.57 -17.12
C VAL A 8 -13.74 13.25 -17.54
N ARG A 9 -12.80 13.47 -16.63
CA ARG A 9 -11.41 13.09 -16.86
C ARG A 9 -10.95 12.12 -15.78
N VAL A 10 -10.45 10.96 -16.21
CA VAL A 10 -9.92 9.97 -15.28
C VAL A 10 -8.46 9.70 -15.59
N THR A 11 -7.62 9.78 -14.56
CA THR A 11 -6.21 9.45 -14.73
C THR A 11 -5.90 8.14 -14.02
N THR A 12 -5.17 7.27 -14.71
CA THR A 12 -4.54 6.14 -14.03
C THR A 12 -3.15 6.59 -13.64
N MET A 13 -2.34 5.68 -13.12
CA MET A 13 -1.00 6.03 -12.68
C MET A 13 -0.14 6.56 -13.84
N ASP A 14 -0.41 6.11 -15.06
CA ASP A 14 0.38 6.56 -16.22
C ASP A 14 -0.42 6.92 -17.47
N ALA A 15 -1.74 7.04 -17.35
CA ALA A 15 -2.55 7.40 -18.51
C ALA A 15 -3.62 8.42 -18.16
N GLU A 16 -4.08 9.13 -19.19
CA GLU A 16 -5.18 10.09 -19.04
C GLU A 16 -6.34 9.74 -19.97
N LEU A 17 -7.52 9.59 -19.39
CA LEU A 17 -8.71 9.30 -20.16
C LEU A 17 -9.72 10.45 -20.05
N GLU A 18 -10.34 10.80 -21.16
CA GLU A 18 -11.32 11.89 -21.15
C GLU A 18 -12.48 11.57 -22.07
N PHE A 19 -13.68 11.50 -21.50
CA PHE A 19 -14.89 11.29 -22.29
C PHE A 19 -16.11 11.95 -21.67
N ALA A 20 -17.19 11.99 -22.44
CA ALA A 20 -18.43 12.61 -22.00
C ALA A 20 -19.44 11.56 -21.57
N ILE A 21 -20.16 11.83 -20.49
CA ILE A 21 -21.18 10.90 -20.01
C ILE A 21 -22.51 11.63 -19.90
N GLN A 22 -23.60 10.86 -19.91
CA GLN A 22 -24.93 11.44 -19.77
C GLN A 22 -25.24 11.68 -18.30
N PRO A 23 -26.14 12.63 -18.03
CA PRO A 23 -26.51 12.98 -16.65
C PRO A 23 -26.95 11.78 -15.82
N ASN A 24 -27.43 10.74 -16.48
CA ASN A 24 -27.95 9.56 -15.77
C ASN A 24 -26.91 8.46 -15.59
N THR A 25 -25.66 8.77 -15.95
CA THR A 25 -24.59 7.78 -15.91
C THR A 25 -24.27 7.34 -14.47
N THR A 26 -24.21 6.03 -14.26
CA THR A 26 -23.85 5.47 -12.96
C THR A 26 -22.34 5.29 -12.88
N GLY A 27 -21.84 5.17 -11.65
CA GLY A 27 -20.42 4.95 -11.44
C GLY A 27 -19.94 3.69 -12.14
N LYS A 28 -20.79 2.67 -12.16
CA LYS A 28 -20.46 1.40 -12.80
C LYS A 28 -20.20 1.59 -14.28
N GLN A 29 -21.12 2.30 -14.94
CA GLN A 29 -21.01 2.61 -16.36
C GLN A 29 -19.71 3.35 -16.64
N LEU A 30 -19.44 4.36 -15.83
CA LEU A 30 -18.19 5.11 -15.93
C LEU A 30 -17.00 4.18 -15.74
N PHE A 31 -17.03 3.40 -14.66
CA PHE A 31 -15.95 2.47 -14.31
C PHE A 31 -15.65 1.50 -15.45
N ASP A 32 -16.71 0.90 -16.01
CA ASP A 32 -16.55 -0.08 -17.07
C ASP A 32 -15.95 0.54 -18.33
N GLN A 33 -16.31 1.78 -18.63
CA GLN A 33 -15.73 2.45 -19.78
C GLN A 33 -14.23 2.63 -19.58
N VAL A 34 -13.85 2.99 -18.36
CA VAL A 34 -12.44 3.17 -18.04
C VAL A 34 -11.65 1.87 -18.23
N VAL A 35 -12.07 0.81 -17.56
CA VAL A 35 -11.32 -0.44 -17.58
C VAL A 35 -11.27 -1.06 -18.98
N LYS A 36 -12.33 -0.84 -19.76
CA LYS A 36 -12.37 -1.35 -21.12
C LYS A 36 -11.35 -0.66 -22.01
N THR A 37 -11.19 0.65 -21.81
CA THR A 37 -10.27 1.43 -22.63
C THR A 37 -8.81 1.05 -22.40
N ILE A 38 -8.45 0.75 -21.16
CA ILE A 38 -7.06 0.47 -20.81
C ILE A 38 -6.74 -1.03 -20.83
N GLY A 39 -7.74 -1.84 -21.10
CA GLY A 39 -7.58 -3.28 -21.19
C GLY A 39 -7.33 -3.96 -19.86
N LEU A 40 -7.99 -3.49 -18.82
CA LEU A 40 -7.84 -4.08 -17.48
C LEU A 40 -9.08 -4.87 -17.09
N ARG A 41 -8.87 -6.12 -16.68
CA ARG A 41 -9.99 -7.00 -16.36
C ARG A 41 -10.03 -7.47 -14.91
N GLU A 42 -8.91 -7.35 -14.20
CA GLU A 42 -8.88 -7.65 -12.77
C GLU A 42 -9.48 -6.48 -11.99
N VAL A 43 -10.75 -6.22 -12.24
CA VAL A 43 -11.39 -4.98 -11.79
C VAL A 43 -11.65 -4.92 -10.29
N TRP A 44 -11.63 -6.08 -9.64
CA TRP A 44 -12.00 -6.17 -8.23
C TRP A 44 -11.07 -5.38 -7.30
N TYR A 45 -9.87 -5.06 -7.78
CA TYR A 45 -8.90 -4.34 -6.96
C TYR A 45 -9.10 -2.84 -6.96
N PHE A 46 -9.76 -2.32 -8.00
CA PHE A 46 -9.69 -0.89 -8.29
C PHE A 46 -10.98 -0.11 -8.05
N GLY A 47 -10.86 1.21 -8.01
CA GLY A 47 -12.00 2.09 -7.88
C GLY A 47 -11.70 3.48 -8.42
N LEU A 48 -12.74 4.30 -8.49
CA LEU A 48 -12.60 5.69 -8.93
C LEU A 48 -12.56 6.61 -7.72
N HIS A 49 -11.41 7.22 -7.49
CA HIS A 49 -11.21 8.06 -6.33
C HIS A 49 -11.33 9.53 -6.70
N TYR A 50 -11.86 10.33 -5.78
CA TYR A 50 -11.93 11.77 -5.99
C TYR A 50 -11.96 12.52 -4.66
N VAL A 51 -12.10 13.84 -4.76
CA VAL A 51 -12.27 14.68 -3.58
C VAL A 51 -13.56 15.46 -3.76
N ASP A 52 -14.55 15.20 -2.90
CA ASP A 52 -15.86 15.82 -3.03
C ASP A 52 -15.84 17.31 -2.71
N ASN A 53 -17.01 17.95 -2.82
CA ASN A 53 -17.12 19.40 -2.66
C ASN A 53 -17.04 19.89 -1.22
N LYS A 54 -16.59 19.01 -0.32
CA LYS A 54 -16.33 19.40 1.06
C LYS A 54 -14.87 19.10 1.41
N GLY A 55 -14.05 18.93 0.38
CA GLY A 55 -12.64 18.67 0.55
C GLY A 55 -12.32 17.29 1.13
N PHE A 56 -13.24 16.35 0.94
CA PHE A 56 -13.06 15.00 1.49
C PHE A 56 -12.72 13.97 0.42
N PRO A 57 -11.65 13.20 0.64
CA PRO A 57 -11.29 12.09 -0.24
C PRO A 57 -12.38 11.03 -0.22
N THR A 58 -12.75 10.52 -1.39
CA THR A 58 -13.91 9.63 -1.49
C THR A 58 -13.78 8.62 -2.63
N TRP A 59 -14.33 7.43 -2.43
CA TRP A 59 -14.46 6.46 -3.51
C TRP A 59 -15.84 6.54 -4.13
N LEU A 60 -15.89 6.55 -5.46
CA LEU A 60 -17.15 6.61 -6.19
C LEU A 60 -17.98 5.36 -5.96
N LYS A 61 -19.27 5.54 -5.72
CA LYS A 61 -20.20 4.43 -5.64
C LYS A 61 -20.54 3.98 -7.05
N LEU A 62 -20.51 2.67 -7.30
CA LEU A 62 -20.77 2.15 -8.63
C LEU A 62 -22.25 1.93 -8.88
N ASP A 63 -23.00 1.76 -7.81
CA ASP A 63 -24.45 1.61 -7.90
C ASP A 63 -25.09 2.92 -7.47
N LYS A 64 -24.93 3.94 -8.31
CA LYS A 64 -25.33 5.30 -7.96
C LYS A 64 -24.86 6.23 -9.08
N LYS A 65 -25.73 7.09 -9.57
CA LYS A 65 -25.34 8.01 -10.64
C LYS A 65 -24.27 9.00 -10.17
N VAL A 66 -23.30 9.26 -11.05
CA VAL A 66 -22.18 10.15 -10.73
C VAL A 66 -22.67 11.53 -10.26
N SER A 67 -23.62 12.09 -10.99
CA SER A 67 -24.18 13.40 -10.66
C SER A 67 -25.19 13.28 -9.53
N ALA A 68 -24.78 12.65 -8.44
CA ALA A 68 -25.65 12.44 -7.29
C ALA A 68 -24.80 12.17 -6.06
N GLN A 69 -23.49 12.16 -6.25
CA GLN A 69 -22.55 11.88 -5.17
C GLN A 69 -21.69 13.09 -4.85
N GLU A 70 -22.26 14.28 -5.05
CA GLU A 70 -21.60 15.54 -4.76
C GLU A 70 -20.11 15.56 -5.10
N VAL A 71 -19.80 15.26 -6.35
CA VAL A 71 -18.46 15.52 -6.89
C VAL A 71 -18.41 17.03 -7.15
N ARG A 72 -17.22 17.61 -7.07
CA ARG A 72 -17.07 19.05 -7.27
C ARG A 72 -17.70 19.51 -8.58
N LYS A 73 -18.42 20.62 -8.50
CA LYS A 73 -18.99 21.24 -9.68
C LYS A 73 -17.88 21.87 -10.51
N GLU A 74 -17.24 21.07 -11.36
CA GLU A 74 -16.12 21.55 -12.15
C GLU A 74 -16.09 20.87 -13.51
N ASN A 75 -15.52 21.55 -14.50
CA ASN A 75 -15.45 21.01 -15.85
C ASN A 75 -14.01 20.79 -16.29
N PRO A 76 -13.62 19.52 -16.49
CA PRO A 76 -14.42 18.31 -16.30
C PRO A 76 -14.40 17.84 -14.84
N LEU A 77 -15.21 16.83 -14.54
CA LEU A 77 -15.12 16.15 -13.27
C LEU A 77 -13.81 15.37 -13.25
N GLN A 78 -13.12 15.37 -12.10
CA GLN A 78 -11.80 14.77 -12.00
C GLN A 78 -11.83 13.50 -11.15
N PHE A 79 -11.37 12.39 -11.71
CA PHE A 79 -11.28 11.14 -10.97
C PHE A 79 -9.89 10.52 -11.09
N LYS A 80 -9.49 9.78 -10.05
CA LYS A 80 -8.24 9.04 -10.08
C LYS A 80 -8.51 7.55 -9.96
N PHE A 81 -8.19 6.82 -11.02
CA PHE A 81 -8.37 5.37 -11.02
C PHE A 81 -7.19 4.72 -10.31
N ARG A 82 -7.46 4.13 -9.14
CA ARG A 82 -6.42 3.58 -8.28
C ARG A 82 -6.86 2.27 -7.65
N ALA A 83 -5.90 1.49 -7.17
CA ALA A 83 -6.20 0.27 -6.42
C ALA A 83 -6.76 0.65 -5.05
N LYS A 84 -7.89 0.06 -4.70
CA LYS A 84 -8.48 0.28 -3.39
C LYS A 84 -8.11 -0.90 -2.50
N PHE A 85 -7.98 -2.06 -3.13
CA PHE A 85 -7.60 -3.28 -2.42
C PHE A 85 -6.32 -3.90 -3.01
N TYR A 86 -5.58 -4.59 -2.15
CA TYR A 86 -4.31 -5.24 -2.52
C TYR A 86 -4.42 -6.75 -2.40
N PRO A 87 -3.77 -7.49 -3.30
CA PRO A 87 -3.76 -8.94 -3.13
C PRO A 87 -3.03 -9.33 -1.86
N GLU A 88 -3.24 -10.55 -1.40
CA GLU A 88 -2.51 -11.04 -0.23
C GLU A 88 -1.07 -11.34 -0.62
N ASP A 89 -0.90 -11.94 -1.80
CA ASP A 89 0.42 -12.25 -2.33
C ASP A 89 0.44 -11.95 -3.83
N VAL A 90 1.10 -10.86 -4.20
CA VAL A 90 1.15 -10.44 -5.61
C VAL A 90 1.67 -11.54 -6.51
N ALA A 91 2.60 -12.35 -6.00
CA ALA A 91 3.26 -13.36 -6.80
C ALA A 91 2.32 -14.50 -7.17
N GLU A 92 1.27 -14.69 -6.37
CA GLU A 92 0.32 -15.76 -6.63
C GLU A 92 -0.97 -15.29 -7.31
N GLU A 93 -1.27 -13.99 -7.23
CA GLU A 93 -2.59 -13.50 -7.63
C GLU A 93 -2.66 -12.67 -8.91
N LEU A 94 -1.79 -11.66 -9.03
CA LEU A 94 -1.83 -10.76 -10.18
C LEU A 94 -1.67 -11.51 -11.52
N ILE A 95 -2.51 -11.18 -12.49
CA ILE A 95 -2.52 -11.90 -13.76
C ILE A 95 -2.02 -11.07 -14.96
N GLN A 96 -2.51 -9.84 -15.06
CA GLN A 96 -2.25 -9.02 -16.24
C GLN A 96 -1.06 -8.07 -16.08
N ASP A 97 -0.30 -7.92 -17.16
CA ASP A 97 0.76 -6.91 -17.20
C ASP A 97 0.24 -5.55 -16.77
N ILE A 98 -0.93 -5.16 -17.27
CA ILE A 98 -1.50 -3.85 -16.95
C ILE A 98 -1.78 -3.70 -15.45
N THR A 99 -2.35 -4.74 -14.84
CA THR A 99 -2.65 -4.72 -13.42
C THR A 99 -1.35 -4.65 -12.60
N GLN A 100 -0.37 -5.44 -12.99
CA GLN A 100 0.93 -5.41 -12.33
C GLN A 100 1.49 -4.00 -12.38
N LYS A 101 1.51 -3.42 -13.57
CA LYS A 101 2.10 -2.11 -13.78
C LYS A 101 1.45 -1.04 -12.92
N LEU A 102 0.12 -1.06 -12.87
CA LEU A 102 -0.61 -0.08 -12.08
C LEU A 102 -0.34 -0.23 -10.58
N PHE A 103 -0.29 -1.47 -10.10
CA PHE A 103 0.11 -1.71 -8.71
C PHE A 103 1.53 -1.21 -8.48
N PHE A 104 2.43 -1.55 -9.40
CA PHE A 104 3.84 -1.17 -9.30
C PHE A 104 4.00 0.33 -9.18
N LEU A 105 3.37 1.07 -10.09
CA LEU A 105 3.44 2.53 -10.08
C LEU A 105 2.84 3.12 -8.80
N GLN A 106 1.66 2.63 -8.42
CA GLN A 106 0.99 3.17 -7.24
C GLN A 106 1.82 2.92 -5.97
N VAL A 107 2.28 1.69 -5.79
CA VAL A 107 3.15 1.37 -4.66
C VAL A 107 4.46 2.16 -4.67
N LYS A 108 5.10 2.26 -5.84
CA LYS A 108 6.34 3.03 -5.92
C LYS A 108 6.15 4.49 -5.50
N GLU A 109 5.06 5.11 -5.95
CA GLU A 109 4.75 6.48 -5.56
C GLU A 109 4.72 6.62 -4.05
N GLY A 110 4.11 5.65 -3.38
CA GLY A 110 3.97 5.67 -1.94
C GLY A 110 5.31 5.49 -1.23
N ILE A 111 6.20 4.74 -1.85
CA ILE A 111 7.53 4.56 -1.27
C ILE A 111 8.37 5.81 -1.41
N LEU A 112 8.43 6.35 -2.62
CA LEU A 112 9.25 7.52 -2.90
C LEU A 112 8.81 8.77 -2.11
N SER A 113 7.51 8.89 -1.84
CA SER A 113 7.00 10.01 -1.06
C SER A 113 7.11 9.74 0.43
N ASP A 114 7.63 8.58 0.80
CA ASP A 114 7.76 8.18 2.20
C ASP A 114 6.41 8.04 2.91
N GLU A 115 5.36 7.76 2.14
CA GLU A 115 4.07 7.41 2.73
C GLU A 115 4.17 5.99 3.28
N ILE A 116 4.95 5.17 2.58
CA ILE A 116 5.22 3.81 3.00
C ILE A 116 6.67 3.74 3.44
N TYR A 117 6.91 3.50 4.73
CA TYR A 117 8.30 3.45 5.19
C TYR A 117 9.05 2.34 4.47
N CYS A 118 10.31 2.63 4.13
CA CYS A 118 11.18 1.65 3.49
C CYS A 118 12.62 1.86 3.97
N PRO A 119 13.23 0.81 4.53
CA PRO A 119 14.61 0.91 5.03
C PRO A 119 15.59 1.14 3.88
N PRO A 120 16.73 1.78 4.16
CA PRO A 120 17.72 2.22 3.15
C PRO A 120 18.07 1.17 2.10
N GLU A 121 18.63 0.05 2.52
CA GLU A 121 19.05 -0.99 1.57
C GLU A 121 17.91 -1.41 0.66
N THR A 122 16.75 -1.63 1.26
CA THR A 122 15.58 -2.04 0.49
C THR A 122 15.18 -0.96 -0.50
N ALA A 123 15.17 0.30 -0.06
CA ALA A 123 14.86 1.44 -0.93
C ALA A 123 15.81 1.50 -2.13
N VAL A 124 17.10 1.33 -1.89
CA VAL A 124 18.08 1.36 -2.97
C VAL A 124 17.82 0.21 -3.94
N LEU A 125 17.63 -1.00 -3.43
CA LEU A 125 17.38 -2.15 -4.29
C LEU A 125 16.12 -1.97 -5.13
N LEU A 126 15.00 -1.61 -4.50
CA LEU A 126 13.76 -1.35 -5.22
C LEU A 126 13.99 -0.34 -6.34
N GLY A 127 14.68 0.74 -6.02
CA GLY A 127 14.99 1.77 -6.98
C GLY A 127 15.71 1.21 -8.19
N SER A 128 16.57 0.23 -7.95
CA SER A 128 17.31 -0.41 -9.02
C SER A 128 16.40 -1.30 -9.87
N TYR A 129 15.42 -1.94 -9.22
CA TYR A 129 14.41 -2.70 -9.96
C TYR A 129 13.47 -1.79 -10.74
N ALA A 130 13.19 -0.61 -10.18
CA ALA A 130 12.38 0.39 -10.88
C ALA A 130 13.12 0.90 -12.12
N VAL A 131 14.43 1.12 -11.98
CA VAL A 131 15.23 1.55 -13.13
C VAL A 131 15.17 0.51 -14.23
N GLN A 132 15.39 -0.75 -13.86
CA GLN A 132 15.29 -1.84 -14.82
C GLN A 132 13.93 -1.84 -15.50
N ALA A 133 12.88 -1.60 -14.72
CA ALA A 133 11.52 -1.57 -15.25
C ALA A 133 11.32 -0.49 -16.32
N LYS A 134 12.00 0.64 -16.16
CA LYS A 134 11.78 1.80 -17.03
C LYS A 134 12.78 1.86 -18.19
N PHE A 135 14.06 1.66 -17.89
CA PHE A 135 15.12 1.80 -18.89
C PHE A 135 15.47 0.49 -19.58
N GLY A 136 15.00 -0.63 -19.04
CA GLY A 136 15.41 -1.93 -19.54
C GLY A 136 16.85 -2.24 -19.14
N ASP A 137 17.52 -3.08 -19.90
CA ASP A 137 18.90 -3.47 -19.58
C ASP A 137 19.83 -2.27 -19.52
N TYR A 138 20.74 -2.26 -18.54
CA TYR A 138 21.75 -1.22 -18.46
C TYR A 138 22.68 -1.27 -19.67
N ASN A 139 22.96 -0.11 -20.25
CA ASN A 139 23.81 -0.01 -21.43
C ASN A 139 24.76 1.19 -21.31
N LYS A 140 26.04 0.90 -21.09
CA LYS A 140 27.04 1.95 -20.89
C LYS A 140 27.05 2.99 -22.01
N GLU A 141 26.81 2.53 -23.23
CA GLU A 141 26.83 3.43 -24.38
C GLU A 141 25.70 4.45 -24.30
N VAL A 142 24.55 4.01 -23.81
CA VAL A 142 23.37 4.86 -23.74
C VAL A 142 23.24 5.58 -22.41
N HIS A 143 23.38 4.82 -21.31
CA HIS A 143 23.19 5.36 -19.97
C HIS A 143 24.49 5.90 -19.37
N LYS A 144 25.11 6.86 -20.05
CA LYS A 144 26.30 7.50 -19.52
C LYS A 144 26.00 8.24 -18.22
N SER A 145 27.05 8.72 -17.56
CA SER A 145 26.92 9.43 -16.29
C SER A 145 25.84 10.51 -16.36
N GLY A 146 24.89 10.45 -15.44
CA GLY A 146 23.85 11.47 -15.34
C GLY A 146 22.53 11.04 -15.94
N TYR A 147 22.44 9.80 -16.38
CA TYR A 147 21.22 9.29 -17.00
C TYR A 147 20.08 9.12 -15.99
N LEU A 148 20.39 9.25 -14.71
CA LEU A 148 19.38 9.12 -13.66
C LEU A 148 19.10 10.44 -12.95
N SER A 149 19.76 11.49 -13.40
CA SER A 149 19.71 12.79 -12.72
C SER A 149 18.30 13.34 -12.55
N SER A 150 17.40 12.98 -13.46
CA SER A 150 16.03 13.49 -13.42
C SER A 150 15.11 12.54 -12.67
N GLU A 151 15.66 11.38 -12.29
CA GLU A 151 14.86 10.33 -11.65
C GLU A 151 14.70 10.53 -10.15
N ARG A 152 13.51 10.21 -9.67
CA ARG A 152 13.24 10.12 -8.24
C ARG A 152 13.55 8.68 -7.86
N LEU A 153 14.77 8.44 -7.38
CA LEU A 153 15.28 7.08 -7.21
C LEU A 153 14.94 6.47 -5.85
N ILE A 154 15.18 7.22 -4.79
CA ILE A 154 14.96 6.73 -3.44
C ILE A 154 14.34 7.83 -2.57
N PRO A 155 13.74 7.44 -1.45
CA PRO A 155 13.11 8.43 -0.56
C PRO A 155 14.13 9.46 -0.07
N GLN A 156 13.69 10.70 0.08
CA GLN A 156 14.60 11.77 0.51
C GLN A 156 15.23 11.44 1.86
N ARG A 157 14.47 10.78 2.72
CA ARG A 157 14.97 10.39 4.05
C ARG A 157 16.23 9.55 3.96
N VAL A 158 16.29 8.67 2.97
CA VAL A 158 17.43 7.77 2.79
C VAL A 158 18.69 8.55 2.44
N MET A 159 18.53 9.59 1.61
CA MET A 159 19.67 10.44 1.25
C MET A 159 20.20 11.22 2.45
N ASP A 160 19.28 11.71 3.27
CA ASP A 160 19.64 12.53 4.43
C ASP A 160 20.50 11.76 5.45
N GLN A 161 20.33 10.46 5.53
CA GLN A 161 21.03 9.69 6.56
C GLN A 161 22.31 9.01 6.08
N HIS A 162 22.80 9.42 4.92
CA HIS A 162 24.09 8.92 4.42
C HIS A 162 24.98 10.07 3.97
N LYS A 163 26.28 9.81 3.91
CA LYS A 163 27.26 10.84 3.54
C LYS A 163 27.54 10.86 2.04
N LEU A 164 26.53 10.51 1.25
CA LEU A 164 26.69 10.49 -0.20
C LEU A 164 26.03 11.72 -0.82
N THR A 165 26.60 12.18 -1.92
CA THR A 165 25.99 13.25 -2.69
C THR A 165 25.02 12.61 -3.68
N ARG A 166 24.20 13.45 -4.32
CA ARG A 166 23.29 12.99 -5.36
C ARG A 166 24.05 12.19 -6.40
N ASP A 167 25.15 12.77 -6.90
CA ASP A 167 25.96 12.13 -7.92
C ASP A 167 26.40 10.73 -7.49
N GLN A 168 26.74 10.59 -6.22
CA GLN A 168 27.16 9.30 -5.69
C GLN A 168 26.00 8.29 -5.62
N TRP A 169 24.81 8.77 -5.25
CA TRP A 169 23.63 7.91 -5.27
C TRP A 169 23.34 7.36 -6.67
N GLU A 170 23.53 8.19 -7.69
CA GLU A 170 23.37 7.75 -9.06
C GLU A 170 24.27 6.55 -9.31
N ASP A 171 25.55 6.71 -8.99
CA ASP A 171 26.53 5.65 -9.14
C ASP A 171 26.07 4.35 -8.49
N ARG A 172 25.63 4.44 -7.25
N ARG A 172 25.63 4.44 -7.25
CA ARG A 172 25.22 3.26 -6.48
CA ARG A 172 25.22 3.27 -6.48
C ARG A 172 24.12 2.47 -7.17
C ARG A 172 24.12 2.47 -7.17
N ILE A 173 23.07 3.17 -7.62
CA ILE A 173 21.93 2.52 -8.26
C ILE A 173 22.31 1.91 -9.61
N GLN A 174 23.10 2.64 -10.37
CA GLN A 174 23.58 2.15 -11.66
C GLN A 174 24.17 0.75 -11.51
N VAL A 175 25.03 0.57 -10.51
CA VAL A 175 25.66 -0.72 -10.26
C VAL A 175 24.64 -1.86 -10.14
N TRP A 176 23.57 -1.63 -9.38
CA TRP A 176 22.56 -2.68 -9.21
C TRP A 176 21.63 -2.79 -10.41
N HIS A 177 21.39 -1.68 -11.08
CA HIS A 177 20.70 -1.72 -12.37
C HIS A 177 21.40 -2.75 -13.26
N ALA A 178 22.73 -2.75 -13.23
CA ALA A 178 23.53 -3.67 -14.05
C ALA A 178 23.33 -5.15 -13.68
N GLU A 179 23.08 -5.42 -12.40
CA GLU A 179 22.86 -6.79 -11.94
C GLU A 179 21.59 -7.41 -12.52
N HIS A 180 20.59 -6.58 -12.81
CA HIS A 180 19.29 -7.05 -13.26
C HIS A 180 19.26 -7.33 -14.76
N ARG A 181 20.41 -7.22 -15.42
CA ARG A 181 20.51 -7.48 -16.85
C ARG A 181 19.82 -8.79 -17.22
N GLY A 182 18.96 -8.74 -18.22
CA GLY A 182 18.26 -9.93 -18.69
C GLY A 182 16.83 -10.02 -18.23
N MET A 183 16.51 -9.32 -17.15
CA MET A 183 15.18 -9.34 -16.58
C MET A 183 14.21 -8.51 -17.41
N LEU A 184 13.11 -9.13 -17.85
CA LEU A 184 12.08 -8.41 -18.58
C LEU A 184 11.42 -7.36 -17.68
N LYS A 185 10.93 -6.29 -18.29
CA LYS A 185 10.37 -5.17 -17.54
C LYS A 185 9.21 -5.61 -16.63
N ASP A 186 8.34 -6.46 -17.15
CA ASP A 186 7.23 -6.98 -16.36
C ASP A 186 7.74 -7.68 -15.11
N ASN A 187 8.75 -8.54 -15.30
CA ASN A 187 9.35 -9.26 -14.19
C ASN A 187 10.03 -8.31 -13.20
N ALA A 188 10.66 -7.27 -13.71
CA ALA A 188 11.21 -6.22 -12.84
C ALA A 188 10.13 -5.65 -11.94
N MET A 189 8.99 -5.27 -12.53
CA MET A 189 7.89 -4.69 -11.76
C MET A 189 7.34 -5.68 -10.73
N LEU A 190 7.23 -6.93 -11.14
CA LEU A 190 6.70 -7.97 -10.26
C LEU A 190 7.65 -8.20 -9.08
N GLU A 191 8.95 -8.22 -9.37
CA GLU A 191 9.94 -8.40 -8.32
C GLU A 191 9.93 -7.20 -7.39
N TYR A 192 9.70 -6.02 -7.96
CA TYR A 192 9.55 -4.80 -7.18
C TYR A 192 8.44 -5.00 -6.14
N LEU A 193 7.29 -5.47 -6.62
CA LEU A 193 6.13 -5.68 -5.75
C LEU A 193 6.35 -6.80 -4.73
N LYS A 194 7.05 -7.86 -5.14
CA LYS A 194 7.34 -8.96 -4.21
C LYS A 194 8.15 -8.47 -3.02
N ILE A 195 9.13 -7.61 -3.27
CA ILE A 195 9.92 -7.03 -2.18
C ILE A 195 9.09 -6.04 -1.35
N ALA A 196 8.43 -5.11 -2.05
CA ALA A 196 7.66 -4.07 -1.40
C ALA A 196 6.57 -4.62 -0.47
N GLN A 197 5.97 -5.75 -0.84
CA GLN A 197 4.85 -6.25 -0.06
C GLN A 197 5.23 -6.76 1.33
N ASP A 198 6.52 -6.96 1.57
CA ASP A 198 6.99 -7.36 2.91
C ASP A 198 7.18 -6.15 3.83
N LEU A 199 7.12 -4.94 3.28
CA LEU A 199 7.27 -3.73 4.10
C LEU A 199 6.17 -3.63 5.15
N GLU A 200 6.52 -3.09 6.31
CA GLU A 200 5.60 -2.98 7.44
C GLU A 200 4.31 -2.22 7.11
N MET A 201 4.44 -1.16 6.33
CA MET A 201 3.33 -0.25 6.05
C MET A 201 2.65 -0.55 4.71
N TYR A 202 3.18 -1.51 3.96
CA TYR A 202 2.61 -1.85 2.65
C TYR A 202 1.15 -2.29 2.74
N GLY A 203 0.31 -1.72 1.87
CA GLY A 203 -1.06 -2.18 1.73
C GLY A 203 -2.00 -1.87 2.89
N ILE A 204 -1.55 -0.99 3.79
CA ILE A 204 -2.30 -0.71 4.99
C ILE A 204 -2.95 0.68 5.00
N ASN A 205 -4.25 0.74 5.29
CA ASN A 205 -4.91 2.01 5.56
C ASN A 205 -4.99 2.26 7.06
N TYR A 206 -4.53 3.43 7.50
CA TYR A 206 -4.49 3.76 8.92
C TYR A 206 -5.61 4.71 9.32
N PHE A 207 -6.18 4.48 10.50
CA PHE A 207 -7.25 5.34 11.01
C PHE A 207 -7.11 5.57 12.51
N GLU A 208 -7.35 6.82 12.94
CA GLU A 208 -7.27 7.15 14.36
C GLU A 208 -8.48 6.59 15.10
N ILE A 209 -8.21 5.80 16.13
CA ILE A 209 -9.27 5.22 16.95
C ILE A 209 -8.92 5.28 18.43
N LYS A 210 -9.87 4.90 19.28
CA LYS A 210 -9.65 4.85 20.72
C LYS A 210 -10.26 3.60 21.32
N ASN A 211 -9.69 3.14 22.43
CA ASN A 211 -10.29 2.06 23.21
C ASN A 211 -11.24 2.64 24.25
N LYS A 212 -11.84 1.79 25.07
CA LYS A 212 -12.83 2.22 26.06
C LYS A 212 -12.34 3.39 26.92
N LYS A 213 -11.11 3.28 27.43
CA LYS A 213 -10.57 4.27 28.34
C LYS A 213 -10.11 5.56 27.66
N GLY A 214 -10.09 5.54 26.33
CA GLY A 214 -9.76 6.74 25.57
C GLY A 214 -8.31 6.89 25.19
N THR A 215 -7.63 5.77 24.94
CA THR A 215 -6.25 5.82 24.49
C THR A 215 -6.19 6.08 22.98
N ASP A 216 -5.44 7.09 22.58
CA ASP A 216 -5.24 7.34 21.16
C ASP A 216 -4.44 6.21 20.50
N LEU A 217 -5.05 5.57 19.51
CA LEU A 217 -4.43 4.44 18.83
C LEU A 217 -4.68 4.52 17.33
N TRP A 218 -3.95 3.72 16.57
CA TRP A 218 -4.21 3.56 15.14
C TRP A 218 -4.84 2.20 14.86
N LEU A 219 -5.84 2.21 13.98
CA LEU A 219 -6.38 0.99 13.42
C LEU A 219 -5.77 0.81 12.03
N GLY A 220 -5.32 -0.40 11.72
CA GLY A 220 -4.78 -0.70 10.41
C GLY A 220 -5.66 -1.71 9.72
N VAL A 221 -6.08 -1.38 8.50
CA VAL A 221 -6.95 -2.27 7.73
C VAL A 221 -6.22 -2.73 6.48
N ASP A 222 -6.08 -4.05 6.30
CA ASP A 222 -5.46 -4.56 5.10
C ASP A 222 -6.04 -5.89 4.63
N ALA A 223 -5.37 -6.51 3.67
CA ALA A 223 -5.88 -7.72 3.06
C ALA A 223 -5.81 -8.90 4.02
N LEU A 224 -5.01 -8.76 5.08
CA LEU A 224 -4.75 -9.87 5.98
C LEU A 224 -5.67 -9.86 7.20
N GLY A 225 -6.05 -8.67 7.63
CA GLY A 225 -6.94 -8.51 8.77
C GLY A 225 -6.86 -7.13 9.38
N LEU A 226 -7.11 -7.04 10.68
CA LEU A 226 -7.08 -5.76 11.38
C LEU A 226 -5.91 -5.68 12.34
N ASN A 227 -5.21 -4.55 12.33
CA ASN A 227 -4.09 -4.33 13.24
C ASN A 227 -4.30 -3.11 14.15
N ILE A 228 -3.83 -3.21 15.38
CA ILE A 228 -3.84 -2.09 16.30
C ILE A 228 -2.41 -1.61 16.57
N TYR A 229 -2.20 -0.30 16.47
CA TYR A 229 -0.88 0.29 16.72
C TYR A 229 -0.96 1.31 17.84
N GLU A 230 0.15 1.47 18.57
CA GLU A 230 0.28 2.58 19.50
C GLU A 230 0.53 3.85 18.71
N LYS A 231 0.14 4.99 19.28
CA LYS A 231 0.05 6.24 18.53
C LYS A 231 1.32 6.68 17.80
N ASP A 232 2.49 6.31 18.33
CA ASP A 232 3.74 6.81 17.77
C ASP A 232 4.52 5.77 16.97
N ASP A 233 3.88 4.64 16.67
CA ASP A 233 4.56 3.56 15.95
C ASP A 233 3.64 2.88 14.92
N LYS A 234 3.73 3.33 13.68
CA LYS A 234 2.89 2.79 12.61
C LYS A 234 3.48 1.55 11.96
N LEU A 235 4.71 1.20 12.34
CA LEU A 235 5.39 0.07 11.72
C LEU A 235 5.05 -1.24 12.41
N THR A 236 4.92 -1.19 13.73
CA THR A 236 4.75 -2.40 14.53
C THR A 236 3.39 -2.48 15.18
N PRO A 237 2.50 -3.31 14.61
CA PRO A 237 1.20 -3.51 15.25
C PRO A 237 1.42 -4.27 16.56
N LYS A 238 0.55 -4.01 17.55
CA LYS A 238 0.68 -4.64 18.86
C LYS A 238 -0.35 -5.76 19.05
N ILE A 239 -1.46 -5.65 18.35
CA ILE A 239 -2.55 -6.62 18.45
C ILE A 239 -3.14 -6.84 17.07
N GLY A 240 -3.48 -8.09 16.76
CA GLY A 240 -4.02 -8.39 15.45
C GLY A 240 -5.19 -9.36 15.44
N PHE A 241 -6.14 -9.11 14.55
CA PHE A 241 -7.24 -10.03 14.31
C PHE A 241 -7.26 -10.38 12.82
N PRO A 242 -7.02 -11.66 12.50
CA PRO A 242 -7.09 -12.07 11.10
C PRO A 242 -8.54 -12.15 10.64
N TRP A 243 -8.78 -11.88 9.36
CA TRP A 243 -10.13 -11.92 8.82
C TRP A 243 -10.81 -13.25 9.13
N SER A 244 -10.02 -14.31 9.25
CA SER A 244 -10.56 -15.64 9.51
C SER A 244 -11.25 -15.72 10.87
N GLU A 245 -10.96 -14.79 11.76
CA GLU A 245 -11.58 -14.75 13.08
C GLU A 245 -12.71 -13.73 13.14
N ILE A 246 -12.96 -13.07 12.01
CA ILE A 246 -13.96 -12.01 11.94
C ILE A 246 -15.17 -12.44 11.13
N ARG A 247 -16.35 -12.23 11.69
CA ARG A 247 -17.60 -12.67 11.06
C ARG A 247 -18.39 -11.51 10.47
N ASN A 248 -18.26 -10.33 11.09
CA ASN A 248 -19.09 -9.20 10.74
C ASN A 248 -18.50 -7.89 11.24
N ILE A 249 -18.59 -6.85 10.41
CA ILE A 249 -18.14 -5.52 10.79
C ILE A 249 -19.30 -4.54 10.69
N SER A 250 -19.43 -3.67 11.69
CA SER A 250 -20.42 -2.61 11.64
C SER A 250 -20.06 -1.49 12.60
N PHE A 251 -20.73 -0.35 12.47
CA PHE A 251 -20.55 0.75 13.38
C PHE A 251 -21.85 1.53 13.57
N ASN A 252 -21.89 2.33 14.62
CA ASN A 252 -23.05 3.16 14.93
C ASN A 252 -22.64 4.30 15.85
N ASP A 253 -22.62 5.51 15.31
CA ASP A 253 -22.26 6.68 16.11
C ASP A 253 -20.91 6.48 16.79
N LYS A 254 -19.85 6.36 15.99
CA LYS A 254 -18.49 6.32 16.50
C LYS A 254 -18.08 5.01 17.19
N LYS A 255 -19.04 4.10 17.35
CA LYS A 255 -18.73 2.80 17.97
C LYS A 255 -18.66 1.68 16.94
N PHE A 256 -17.48 1.12 16.74
CA PHE A 256 -17.34 -0.04 15.87
C PHE A 256 -17.54 -1.34 16.64
N VAL A 257 -18.12 -2.33 15.96
CA VAL A 257 -18.35 -3.64 16.56
C VAL A 257 -17.93 -4.75 15.60
N ILE A 258 -16.86 -5.45 15.95
CA ILE A 258 -16.40 -6.59 15.16
C ILE A 258 -16.84 -7.89 15.80
N LYS A 259 -17.75 -8.60 15.13
CA LYS A 259 -18.25 -9.88 15.65
C LYS A 259 -17.36 -11.03 15.23
N PRO A 260 -17.12 -11.98 16.14
CA PRO A 260 -16.23 -13.13 15.93
C PRO A 260 -16.91 -14.31 15.23
N ILE A 261 -16.10 -15.17 14.62
CA ILE A 261 -16.58 -16.40 14.03
C ILE A 261 -16.91 -17.39 15.14
N ASP A 262 -16.13 -17.33 16.22
CA ASP A 262 -16.40 -18.13 17.41
C ASP A 262 -17.51 -17.45 18.21
N LYS A 263 -18.73 -17.98 18.10
CA LYS A 263 -19.89 -17.37 18.74
C LYS A 263 -19.75 -17.27 20.26
N LYS A 264 -18.78 -17.99 20.81
CA LYS A 264 -18.53 -17.98 22.24
C LYS A 264 -17.60 -16.83 22.64
N ALA A 265 -16.99 -16.20 21.65
CA ALA A 265 -16.07 -15.10 21.89
C ALA A 265 -16.81 -13.78 22.04
N PRO A 266 -16.17 -12.78 22.67
CA PRO A 266 -16.73 -11.43 22.80
C PRO A 266 -16.49 -10.58 21.56
N ASP A 267 -17.34 -9.58 21.33
CA ASP A 267 -17.17 -8.66 20.22
C ASP A 267 -15.96 -7.76 20.46
N PHE A 268 -15.20 -7.51 19.40
CA PHE A 268 -14.13 -6.52 19.44
C PHE A 268 -14.75 -5.15 19.19
N VAL A 269 -14.57 -4.23 20.13
CA VAL A 269 -15.23 -2.93 20.06
C VAL A 269 -14.25 -1.78 20.17
N PHE A 270 -14.30 -0.84 19.24
CA PHE A 270 -13.42 0.33 19.28
C PHE A 270 -14.15 1.57 18.82
N TYR A 271 -13.52 2.72 19.02
CA TYR A 271 -14.18 4.00 18.76
C TYR A 271 -13.46 4.84 17.70
N ALA A 272 -14.25 5.45 16.81
CA ALA A 272 -13.71 6.34 15.78
C ALA A 272 -14.63 7.55 15.61
N PRO A 273 -14.03 8.76 15.56
CA PRO A 273 -14.71 10.05 15.71
C PRO A 273 -15.63 10.47 14.55
N ARG A 274 -15.12 10.50 13.31
CA ARG A 274 -15.86 11.09 12.20
C ARG A 274 -16.73 10.12 11.41
N LEU A 275 -17.90 10.59 10.98
CA LEU A 275 -18.85 9.78 10.22
C LEU A 275 -18.36 9.51 8.80
N ARG A 276 -17.84 10.54 8.14
CA ARG A 276 -17.28 10.41 6.80
C ARG A 276 -16.19 9.35 6.80
N ILE A 277 -15.28 9.46 7.76
CA ILE A 277 -14.17 8.52 7.84
C ILE A 277 -14.68 7.11 8.17
N ASN A 278 -15.63 7.03 9.10
CA ASN A 278 -16.19 5.75 9.50
C ASN A 278 -16.78 4.96 8.34
N LYS A 279 -17.38 5.66 7.38
CA LYS A 279 -17.95 5.00 6.21
C LYS A 279 -16.86 4.28 5.42
N ARG A 280 -15.75 4.96 5.18
CA ARG A 280 -14.67 4.39 4.38
C ARG A 280 -13.96 3.27 5.12
N ILE A 281 -13.82 3.43 6.43
CA ILE A 281 -13.32 2.35 7.27
C ILE A 281 -14.15 1.09 7.03
N LEU A 282 -15.47 1.23 7.10
CA LEU A 282 -16.38 0.10 6.96
C LEU A 282 -16.31 -0.53 5.57
N GLN A 283 -16.16 0.28 4.54
CA GLN A 283 -16.03 -0.25 3.19
C GLN A 283 -14.72 -1.03 3.06
N LEU A 284 -13.65 -0.47 3.58
CA LEU A 284 -12.35 -1.15 3.52
C LEU A 284 -12.34 -2.48 4.26
N CYS A 285 -13.00 -2.53 5.41
CA CYS A 285 -13.11 -3.79 6.16
C CYS A 285 -13.92 -4.83 5.37
N MET A 286 -15.10 -4.42 4.91
CA MET A 286 -15.99 -5.35 4.22
C MET A 286 -15.37 -5.88 2.93
N GLY A 287 -14.81 -4.98 2.13
CA GLY A 287 -14.14 -5.36 0.89
C GLY A 287 -12.97 -6.32 1.13
N ASN A 288 -12.08 -5.97 2.05
CA ASN A 288 -10.95 -6.83 2.36
C ASN A 288 -11.36 -8.18 2.93
N HIS A 289 -12.38 -8.17 3.78
CA HIS A 289 -12.90 -9.39 4.37
C HIS A 289 -13.44 -10.32 3.29
N GLU A 290 -14.20 -9.75 2.35
CA GLU A 290 -14.83 -10.53 1.30
C GLU A 290 -13.82 -11.17 0.35
N LEU A 291 -12.86 -10.37 -0.13
CA LEU A 291 -11.78 -10.91 -0.95
C LEU A 291 -11.02 -12.03 -0.23
N TYR A 292 -10.82 -11.86 1.07
CA TYR A 292 -10.14 -12.86 1.89
C TYR A 292 -10.89 -14.19 1.84
N MET A 293 -12.21 -14.13 1.97
CA MET A 293 -13.04 -15.33 1.96
C MET A 293 -13.05 -16.01 0.60
N ARG A 294 -13.24 -15.23 -0.45
CA ARG A 294 -13.28 -15.78 -1.81
C ARG A 294 -12.01 -16.56 -2.16
N ARG A 295 -10.89 -16.19 -1.56
CA ARG A 295 -9.62 -16.87 -1.83
C ARG A 295 -9.57 -18.24 -1.16
N ARG A 296 -10.37 -18.43 -0.13
CA ARG A 296 -10.28 -19.63 0.70
C ARG A 296 -11.42 -20.64 0.47
N LYS A 297 -12.63 -20.14 0.27
CA LYS A 297 -13.76 -21.02 0.03
C LYS A 297 -14.77 -20.44 -0.96
N PRO A 298 -14.47 -20.57 -2.27
CA PRO A 298 -15.38 -20.13 -3.33
C PRO A 298 -16.47 -21.17 -3.61
N LYS A 517 1.94 -20.15 6.64
CA LYS A 517 2.99 -19.40 7.30
C LYS A 517 3.82 -18.61 6.30
N ARG A 518 3.52 -17.31 6.19
CA ARG A 518 4.17 -16.45 5.20
C ARG A 518 5.65 -16.22 5.49
N ILE A 519 6.46 -16.24 4.43
CA ILE A 519 7.85 -15.83 4.54
C ILE A 519 8.17 -14.73 3.53
N THR A 520 9.13 -13.89 3.86
CA THR A 520 9.51 -12.75 3.02
C THR A 520 10.10 -13.20 1.69
N GLU A 521 10.14 -12.27 0.74
CA GLU A 521 10.75 -12.53 -0.55
C GLU A 521 12.21 -12.89 -0.37
N ALA A 522 12.91 -12.13 0.47
CA ALA A 522 14.31 -12.39 0.78
C ALA A 522 14.56 -13.84 1.19
N GLU A 523 13.68 -14.37 2.04
CA GLU A 523 13.84 -15.73 2.54
C GLU A 523 13.52 -16.80 1.51
N LYS A 524 12.72 -16.44 0.50
CA LYS A 524 12.38 -17.43 -0.51
C LYS A 524 13.17 -17.26 -1.80
N ASN A 525 13.87 -16.14 -1.92
CA ASN A 525 14.64 -15.82 -3.12
C ASN A 525 16.08 -15.49 -2.74
N GLU A 526 16.96 -16.49 -2.85
CA GLU A 526 18.33 -16.34 -2.37
C GLU A 526 19.10 -15.23 -3.09
N ARG A 527 18.76 -15.01 -4.35
CA ARG A 527 19.38 -13.93 -5.12
C ARG A 527 19.06 -12.55 -4.53
N VAL A 528 17.78 -12.31 -4.22
CA VAL A 528 17.40 -11.05 -3.62
C VAL A 528 18.05 -10.90 -2.23
N GLN A 529 18.07 -11.99 -1.47
CA GLN A 529 18.70 -11.99 -0.16
C GLN A 529 20.17 -11.54 -0.23
N ARG A 530 20.90 -12.07 -1.20
CA ARG A 530 22.30 -11.70 -1.38
C ARG A 530 22.46 -10.24 -1.78
N GLN A 531 21.50 -9.72 -2.53
CA GLN A 531 21.57 -8.33 -2.99
C GLN A 531 21.42 -7.37 -1.81
N LEU A 532 20.42 -7.60 -0.99
CA LEU A 532 20.22 -6.81 0.22
C LEU A 532 21.46 -6.82 1.11
N LEU A 533 21.99 -8.01 1.36
CA LEU A 533 23.16 -8.14 2.23
C LEU A 533 24.36 -7.39 1.68
N THR A 534 24.60 -7.52 0.38
CA THR A 534 25.65 -6.78 -0.28
C THR A 534 25.42 -5.28 -0.17
N LEU A 535 24.17 -4.85 -0.34
CA LEU A 535 23.83 -3.44 -0.19
C LEU A 535 24.20 -2.95 1.20
N SER A 536 23.70 -3.63 2.23
CA SER A 536 24.03 -3.29 3.61
C SER A 536 25.52 -3.11 3.80
N SER A 537 26.29 -4.02 3.23
CA SER A 537 27.75 -3.93 3.30
C SER A 537 28.26 -2.62 2.72
N GLU A 538 27.82 -2.31 1.50
CA GLU A 538 28.29 -1.13 0.80
C GLU A 538 27.89 0.18 1.50
N LEU A 539 26.75 0.16 2.16
CA LEU A 539 26.15 1.39 2.69
C LEU A 539 26.56 1.75 4.12
N SER A 540 26.79 0.74 4.95
CA SER A 540 27.13 0.97 6.35
C SER A 540 28.32 1.91 6.53
N GLN A 541 29.20 1.94 5.54
CA GLN A 541 30.37 2.81 5.61
C GLN A 541 30.02 4.27 5.36
N ALA A 542 28.82 4.51 4.83
CA ALA A 542 28.37 5.86 4.52
C ALA A 542 27.23 6.29 5.42
N ARG A 543 26.85 5.42 6.35
CA ARG A 543 25.72 5.64 7.23
C ARG A 543 26.00 6.73 8.28
N ASP A 544 25.22 7.80 8.21
CA ASP A 544 25.29 8.87 9.21
C ASP A 544 24.18 8.65 10.23
N GLU A 545 24.51 7.98 11.33
CA GLU A 545 23.48 7.43 12.23
C GLU A 545 22.67 8.44 13.04
N ASN A 546 23.25 9.56 13.41
CA ASN A 546 22.49 10.57 14.14
C ASN A 546 21.55 11.37 13.23
N LYS A 547 21.37 10.89 12.01
CA LYS A 547 20.47 11.53 11.05
C LYS A 547 19.31 10.61 10.69
N ARG A 548 19.15 9.52 11.42
CA ARG A 548 18.05 8.60 11.15
C ARG A 548 16.75 9.15 11.74
N THR A 549 15.63 8.81 11.10
CA THR A 549 14.33 9.29 11.54
C THR A 549 13.71 8.36 12.58
N HIS A 550 12.55 8.76 13.10
CA HIS A 550 11.86 7.96 14.10
C HIS A 550 11.56 6.56 13.56
N ASN A 551 11.04 6.48 12.35
CA ASN A 551 10.73 5.20 11.73
C ASN A 551 11.97 4.32 11.48
N ASP A 552 13.11 4.97 11.21
CA ASP A 552 14.36 4.23 11.06
C ASP A 552 14.69 3.53 12.37
N ILE A 553 14.64 4.30 13.46
CA ILE A 553 14.99 3.80 14.77
C ILE A 553 14.05 2.67 15.20
N ILE A 554 12.76 2.83 14.93
CA ILE A 554 11.79 1.79 15.20
C ILE A 554 12.08 0.54 14.39
N HIS A 555 12.33 0.73 13.10
CA HIS A 555 12.62 -0.39 12.22
C HIS A 555 13.85 -1.14 12.71
N ASN A 556 14.84 -0.39 13.16
CA ASN A 556 16.11 -0.99 13.58
C ASN A 556 16.00 -1.82 14.85
N GLU A 557 15.21 -1.32 15.80
CA GLU A 557 14.96 -2.07 17.02
C GLU A 557 14.21 -3.35 16.69
N ASN A 558 13.22 -3.25 15.80
CA ASN A 558 12.48 -4.42 15.37
C ASN A 558 13.40 -5.47 14.75
N MET A 559 14.30 -5.03 13.89
CA MET A 559 15.29 -5.91 13.30
C MET A 559 16.19 -6.54 14.38
N ARG A 560 16.65 -5.73 15.33
CA ARG A 560 17.47 -6.23 16.43
C ARG A 560 16.76 -7.37 17.14
N GLN A 561 15.43 -7.27 17.23
CA GLN A 561 14.62 -8.27 17.92
C GLN A 561 14.34 -9.48 17.03
N GLY A 562 14.84 -9.44 15.80
CA GLY A 562 14.64 -10.53 14.87
C GLY A 562 13.28 -10.55 14.20
N ARG A 563 12.59 -9.41 14.22
CA ARG A 563 11.24 -9.34 13.65
C ARG A 563 11.23 -9.16 12.14
N ASP A 564 10.16 -9.63 11.51
CA ASP A 564 9.79 -9.19 10.18
C ASP A 564 8.26 -9.06 10.13
N LYS A 565 7.71 -8.64 9.00
CA LYS A 565 6.28 -8.37 8.92
C LYS A 565 5.45 -9.55 9.41
N TYR A 566 5.84 -10.76 8.98
CA TYR A 566 5.02 -11.94 9.20
C TYR A 566 5.23 -12.58 10.58
N LYS A 567 6.46 -12.51 11.09
CA LYS A 567 6.73 -12.97 12.45
C LYS A 567 5.95 -12.09 13.42
N THR A 568 5.94 -10.78 13.16
CA THR A 568 5.19 -9.86 14.00
C THR A 568 3.68 -10.16 13.97
N LEU A 569 3.14 -10.35 12.77
CA LEU A 569 1.72 -10.71 12.65
C LEU A 569 1.36 -11.98 13.41
N ARG A 570 2.23 -12.98 13.36
CA ARG A 570 1.97 -14.21 14.09
C ARG A 570 2.02 -13.93 15.59
N GLN A 571 2.99 -13.14 16.01
CA GLN A 571 3.13 -12.78 17.41
C GLN A 571 1.88 -12.08 17.95
N ILE A 572 1.42 -11.04 17.25
CA ILE A 572 0.27 -10.25 17.71
C ILE A 572 -1.07 -10.96 17.61
N ARG A 573 -1.11 -12.08 16.89
CA ARG A 573 -2.35 -12.85 16.76
C ARG A 573 -2.42 -14.00 17.78
N GLN A 574 -1.42 -14.09 18.65
CA GLN A 574 -1.39 -15.13 19.67
C GLN A 574 -2.48 -14.93 20.73
N GLY A 575 -2.95 -16.03 21.28
CA GLY A 575 -3.89 -15.97 22.38
C GLY A 575 -5.35 -15.90 21.95
N ASN A 576 -6.23 -15.81 22.95
CA ASN A 576 -7.67 -15.75 22.73
C ASN A 576 -8.14 -14.41 22.19
N THR A 577 -9.33 -14.40 21.59
CA THR A 577 -9.97 -13.15 21.22
C THR A 577 -10.17 -12.32 22.47
N LYS A 578 -10.82 -12.90 23.47
CA LYS A 578 -11.01 -12.27 24.76
C LYS A 578 -9.67 -11.71 25.25
N GLN A 579 -8.65 -12.55 25.21
CA GLN A 579 -7.31 -12.19 25.64
C GLN A 579 -6.77 -10.98 24.87
N ARG A 580 -6.93 -10.99 23.54
CA ARG A 580 -6.44 -9.89 22.72
C ARG A 580 -7.29 -8.63 22.90
N ILE A 581 -8.59 -8.81 23.07
CA ILE A 581 -9.49 -7.69 23.32
C ILE A 581 -9.14 -7.01 24.64
N ASP A 582 -8.75 -7.82 25.61
CA ASP A 582 -8.41 -7.31 26.93
C ASP A 582 -7.15 -6.45 26.92
N GLU A 583 -6.11 -6.92 26.24
CA GLU A 583 -4.88 -6.13 26.17
C GLU A 583 -5.09 -4.88 25.32
N PHE A 584 -6.04 -4.95 24.38
CA PHE A 584 -6.45 -3.78 23.63
C PHE A 584 -6.94 -2.69 24.57
N GLU A 585 -7.87 -3.06 25.46
CA GLU A 585 -8.39 -2.11 26.44
C GLU A 585 -7.29 -1.63 27.37
N ALA A 586 -6.33 -2.50 27.65
CA ALA A 586 -5.24 -2.15 28.57
C ALA A 586 -4.26 -1.14 27.96
N LEU A 587 -4.29 -0.99 26.64
CA LEU A 587 -3.37 -0.08 25.96
C LEU A 587 -3.49 1.35 26.45
#